data_6LP3
#
_entry.id   6LP3
#
_cell.length_a   119.405
_cell.length_b   119.405
_cell.length_c   144.575
_cell.angle_alpha   90.000
_cell.angle_beta   90.000
_cell.angle_gamma   90.000
#
_symmetry.space_group_name_H-M   'P 41 21 2'
#
loop_
_entity.id
_entity.type
_entity.pdbx_description
1 polymer 'Uncharacterized protein YMR124W'
2 polymer 'GTPase-activating protein BEM3'
#
loop_
_entity_poly.entity_id
_entity_poly.type
_entity_poly.pdbx_seq_one_letter_code
_entity_poly.pdbx_strand_id
1 'polypeptide(L)'
;GSPSKTKSAPVSYDKDGMNASEEDFSFDNTLAKPYEPLYARRGDITSAGSTSGEDSSQPKMITISGEQLNLITENKELMN
ELTLVSTELAESIKRETELEERIRLYETNNSAPSFDDSSSVSFSDFEKELRKKSSKIVQLIQQLNDERLKRFIAEEQLLL
QENGTKPSSMELVGRIENLNKLIDERDSEIEMLKGRLQ
;
A,B,D,E
2 'polypeptide(L)'
;MTDNLTTTHGGSTTLELLAQYNDHRSKKDKSIEHIEKGTCSGKERNPSYDEIFTENIKLKLQVQEYETEIESLEKVIDML
QKNREASLEVVLEQVQNDS
;
C,F
#
# COMPACT_ATOMS: atom_id res chain seq x y z
N ILE A 62 18.16 9.33 -36.22
CA ILE A 62 19.06 9.93 -35.26
C ILE A 62 18.31 10.39 -34.01
N THR A 63 18.03 11.69 -33.93
CA THR A 63 17.34 12.31 -32.80
C THR A 63 18.00 11.89 -31.49
N ILE A 64 19.30 12.13 -31.38
CA ILE A 64 20.08 11.79 -30.19
C ILE A 64 19.68 12.61 -28.97
N SER A 65 18.84 13.63 -29.14
CA SER A 65 18.42 14.48 -28.03
C SER A 65 16.94 14.40 -27.73
N GLY A 66 16.12 14.12 -28.73
CA GLY A 66 14.68 13.95 -28.53
C GLY A 66 14.40 12.85 -27.54
N GLU A 67 15.36 11.92 -27.41
CA GLU A 67 15.33 10.93 -26.35
C GLU A 67 15.56 11.60 -24.99
N GLN A 68 16.83 11.85 -24.77
CA GLN A 68 17.18 12.41 -23.53
C GLN A 68 16.52 11.49 -22.55
N LEU A 69 17.26 11.14 -21.52
CA LEU A 69 16.78 10.32 -20.45
C LEU A 69 16.10 9.05 -20.89
N ASN A 70 14.80 9.12 -21.13
CA ASN A 70 13.91 7.97 -21.03
C ASN A 70 14.34 6.70 -21.72
N LEU A 71 14.66 5.62 -21.02
CA LEU A 71 15.17 5.61 -19.64
C LEU A 71 16.38 4.70 -19.45
N ILE A 72 16.23 3.41 -19.64
CA ILE A 72 17.43 2.67 -19.32
C ILE A 72 18.62 3.52 -19.74
N THR A 73 18.94 4.51 -18.93
CA THR A 73 20.23 5.16 -18.98
C THR A 73 20.90 4.96 -17.64
N GLU A 74 22.23 5.04 -17.65
CA GLU A 74 23.03 4.69 -16.48
C GLU A 74 22.80 3.24 -16.06
N ASN A 75 23.56 2.31 -16.64
CA ASN A 75 23.55 0.94 -16.16
C ASN A 75 24.43 0.75 -14.94
N LYS A 76 25.16 1.79 -14.52
CA LYS A 76 26.01 1.73 -13.34
C LYS A 76 25.24 1.26 -12.12
N GLU A 77 23.91 1.27 -12.18
CA GLU A 77 23.05 0.56 -11.23
C GLU A 77 22.55 -0.78 -11.77
N LEU A 78 22.29 -0.86 -13.09
CA LEU A 78 21.76 -2.10 -13.64
C LEU A 78 22.75 -3.26 -13.48
N MET A 79 24.04 -3.00 -13.70
CA MET A 79 25.02 -4.05 -13.46
C MET A 79 25.25 -4.28 -11.97
N ASN A 80 24.93 -3.30 -11.12
CA ASN A 80 25.03 -3.48 -9.68
C ASN A 80 24.08 -4.59 -9.22
N GLU A 81 22.80 -4.50 -9.59
CA GLU A 81 21.86 -5.57 -9.29
C GLU A 81 22.37 -6.90 -9.84
N LEU A 82 23.01 -6.87 -11.00
CA LEU A 82 23.54 -8.10 -11.59
C LEU A 82 24.63 -8.71 -10.71
N THR A 83 25.43 -7.87 -10.06
CA THR A 83 26.43 -8.38 -9.13
C THR A 83 25.78 -8.82 -7.81
N LEU A 84 24.95 -7.95 -7.22
CA LEU A 84 24.25 -8.29 -5.98
C LEU A 84 23.29 -9.46 -6.13
N VAL A 85 23.09 -10.00 -7.32
CA VAL A 85 22.29 -11.20 -7.50
C VAL A 85 23.15 -12.41 -7.84
N SER A 86 24.28 -12.23 -8.51
CA SER A 86 25.24 -13.32 -8.65
C SER A 86 25.86 -13.66 -7.30
N THR A 87 25.93 -12.69 -6.39
CA THR A 87 26.45 -12.93 -5.06
C THR A 87 25.44 -13.70 -4.21
N GLU A 88 24.19 -13.26 -4.21
CA GLU A 88 23.16 -14.04 -3.53
C GLU A 88 23.01 -15.42 -4.17
N LEU A 89 23.32 -15.50 -5.47
CA LEU A 89 23.52 -16.81 -6.10
C LEU A 89 24.73 -17.51 -5.53
N ALA A 90 25.84 -16.78 -5.36
CA ALA A 90 27.06 -17.36 -4.78
C ALA A 90 26.76 -18.02 -3.43
N GLU A 91 26.22 -17.25 -2.50
CA GLU A 91 25.94 -17.76 -1.17
C GLU A 91 24.70 -18.65 -1.14
N SER A 92 24.37 -19.27 -2.27
CA SER A 92 23.22 -20.17 -2.35
C SER A 92 23.63 -21.62 -2.59
N ILE A 93 24.47 -21.88 -3.60
CA ILE A 93 24.91 -23.24 -3.87
C ILE A 93 25.72 -23.78 -2.69
N LYS A 94 26.68 -22.98 -2.22
CA LYS A 94 27.36 -23.26 -0.97
C LYS A 94 26.36 -23.55 0.14
N ARG A 95 25.42 -22.63 0.35
CA ARG A 95 24.39 -22.80 1.37
C ARG A 95 23.69 -24.14 1.23
N GLU A 96 23.56 -24.63 0.00
CA GLU A 96 22.85 -25.86 -0.28
C GLU A 96 23.77 -27.07 -0.26
N THR A 97 25.04 -26.90 -0.64
CA THR A 97 25.97 -28.04 -0.60
C THR A 97 26.21 -28.51 0.82
N GLU A 98 26.33 -27.58 1.78
CA GLU A 98 26.47 -27.95 3.19
C GLU A 98 25.33 -28.86 3.63
N LEU A 99 24.09 -28.41 3.43
CA LEU A 99 22.91 -29.22 3.74
C LEU A 99 22.96 -30.54 2.97
N GLU A 100 23.11 -30.45 1.65
CA GLU A 100 23.24 -31.62 0.78
C GLU A 100 24.29 -32.58 1.32
N GLU A 101 25.41 -32.04 1.80
CA GLU A 101 26.45 -32.90 2.37
C GLU A 101 26.02 -33.48 3.71
N ARG A 102 25.34 -32.69 4.54
CA ARG A 102 24.95 -33.18 5.86
C ARG A 102 24.02 -34.37 5.76
N ILE A 103 23.03 -34.30 4.87
CA ILE A 103 22.18 -35.47 4.62
C ILE A 103 22.99 -36.58 3.95
N ARG A 104 23.84 -36.21 2.99
CA ARG A 104 24.71 -37.19 2.36
C ARG A 104 25.64 -37.83 3.38
N LEU A 105 26.13 -37.04 4.33
CA LEU A 105 26.91 -37.59 5.43
C LEU A 105 26.03 -38.16 6.54
N TYR A 106 24.71 -38.06 6.41
CA TYR A 106 23.78 -38.69 7.37
C TYR A 106 23.29 -40.01 6.82
N GLU A 107 22.59 -39.98 5.69
CA GLU A 107 22.23 -41.21 4.99
C GLU A 107 23.45 -41.85 4.34
N SER A 120 21.42 -23.52 15.61
CA SER A 120 22.68 -22.79 15.55
C SER A 120 22.97 -22.37 14.12
N VAL A 121 23.80 -23.17 13.44
CA VAL A 121 24.09 -22.87 12.03
C VAL A 121 22.93 -23.29 11.15
N SER A 122 22.36 -24.47 11.42
CA SER A 122 21.25 -24.97 10.60
C SER A 122 20.10 -23.98 10.57
N PHE A 123 19.70 -23.49 11.73
CA PHE A 123 18.60 -22.51 11.77
C PHE A 123 19.00 -21.21 11.10
N SER A 124 20.25 -20.77 11.27
CA SER A 124 20.71 -19.54 10.65
C SER A 124 20.50 -19.59 9.14
N ASP A 125 20.95 -20.68 8.51
CA ASP A 125 20.84 -20.79 7.06
C ASP A 125 19.40 -21.03 6.60
N PHE A 126 18.54 -21.55 7.49
CA PHE A 126 17.13 -21.70 7.12
C PHE A 126 16.46 -20.34 7.01
N GLU A 127 16.79 -19.42 7.92
CA GLU A 127 16.27 -18.06 7.90
C GLU A 127 17.13 -17.12 7.07
N LYS A 128 18.41 -17.43 6.87
CA LYS A 128 19.23 -16.60 5.99
C LYS A 128 18.93 -16.86 4.52
N GLU A 129 18.39 -18.04 4.19
CA GLU A 129 17.84 -18.23 2.87
C GLU A 129 16.43 -17.67 2.76
N LEU A 130 15.73 -17.54 3.89
CA LEU A 130 14.44 -16.88 3.93
C LEU A 130 14.52 -15.41 3.56
N ARG A 131 15.73 -14.86 3.47
CA ARG A 131 15.91 -13.46 3.10
C ARG A 131 16.28 -13.28 1.64
N LYS A 132 16.87 -14.30 1.01
CA LYS A 132 17.22 -14.20 -0.40
C LYS A 132 16.01 -14.38 -1.30
N LYS A 133 15.02 -15.16 -0.85
CA LYS A 133 13.75 -15.30 -1.55
C LYS A 133 13.11 -13.94 -1.75
N SER A 134 12.68 -13.32 -0.65
CA SER A 134 12.09 -11.98 -0.67
C SER A 134 13.08 -10.89 -1.11
N SER A 135 14.29 -11.25 -1.55
CA SER A 135 15.20 -10.32 -2.21
C SER A 135 15.10 -10.44 -3.72
N LYS A 136 15.34 -11.64 -4.24
CA LYS A 136 15.07 -11.98 -5.64
C LYS A 136 13.65 -11.58 -6.03
N ILE A 137 12.68 -12.09 -5.28
CA ILE A 137 11.26 -11.89 -5.59
C ILE A 137 10.97 -10.42 -5.80
N VAL A 138 11.79 -9.54 -5.21
CA VAL A 138 11.67 -8.13 -5.49
C VAL A 138 12.33 -7.78 -6.83
N GLN A 139 13.51 -8.34 -7.10
CA GLN A 139 14.21 -8.02 -8.34
C GLN A 139 13.56 -8.69 -9.54
N LEU A 140 13.05 -9.91 -9.38
CA LEU A 140 12.23 -10.51 -10.42
C LEU A 140 11.06 -9.61 -10.78
N ILE A 141 10.53 -8.90 -9.78
CA ILE A 141 9.50 -7.89 -10.01
C ILE A 141 10.13 -6.61 -10.57
N GLN A 142 11.35 -6.28 -10.12
CA GLN A 142 12.04 -5.09 -10.60
C GLN A 142 12.12 -5.07 -12.13
N GLN A 143 12.70 -6.11 -12.72
CA GLN A 143 12.76 -6.23 -14.17
C GLN A 143 11.38 -6.11 -14.80
N LEU A 144 10.44 -6.94 -14.34
CA LEU A 144 9.10 -6.96 -14.93
C LEU A 144 8.52 -5.56 -15.06
N ASN A 145 8.61 -4.76 -14.01
CA ASN A 145 8.13 -3.38 -14.10
C ASN A 145 9.09 -2.52 -14.89
N ASP A 146 10.39 -2.64 -14.63
CA ASP A 146 11.40 -2.02 -15.49
C ASP A 146 11.18 -2.41 -16.95
N GLU A 147 10.79 -3.66 -17.19
CA GLU A 147 10.37 -4.06 -18.52
C GLU A 147 9.06 -3.37 -18.91
N ARG A 148 8.04 -3.50 -18.06
CA ARG A 148 6.75 -2.89 -18.37
C ARG A 148 6.88 -1.38 -18.53
N LEU A 149 7.81 -0.77 -17.80
CA LEU A 149 8.18 0.61 -18.04
C LEU A 149 8.86 0.77 -19.40
N LYS A 150 9.74 -0.17 -19.76
CA LYS A 150 10.45 -0.10 -21.04
C LYS A 150 9.52 -0.33 -22.22
N ARG A 151 8.51 -1.19 -22.06
CA ARG A 151 7.63 -1.59 -23.15
C ARG A 151 6.81 -0.43 -23.68
N PHE A 152 6.93 0.74 -23.06
CA PHE A 152 5.95 1.79 -23.28
C PHE A 152 6.58 3.12 -23.68
N ILE A 153 7.63 3.55 -22.97
CA ILE A 153 8.34 4.73 -23.42
C ILE A 153 8.97 4.49 -24.79
N ALA A 154 9.19 3.22 -25.14
CA ALA A 154 9.59 2.90 -26.51
C ALA A 154 8.57 3.46 -27.51
N GLU A 155 7.28 3.30 -27.24
CA GLU A 155 6.27 3.91 -28.08
C GLU A 155 6.10 5.40 -27.81
N GLU A 156 6.42 5.84 -26.59
CA GLU A 156 6.43 7.27 -26.30
C GLU A 156 7.49 8.00 -27.10
N GLN A 157 8.47 7.28 -27.64
CA GLN A 157 9.49 7.82 -28.53
C GLN A 157 9.06 7.68 -29.99
N LEU A 158 8.64 6.48 -30.39
CA LEU A 158 8.28 6.23 -31.78
C LEU A 158 7.05 7.03 -32.21
N LEU A 159 6.15 7.35 -31.28
CA LEU A 159 5.01 8.17 -31.63
C LEU A 159 5.41 9.64 -31.75
N LEU A 160 6.19 10.14 -30.77
CA LEU A 160 6.80 11.46 -30.91
C LEU A 160 7.71 11.51 -32.13
N GLN A 161 8.23 10.36 -32.55
CA GLN A 161 8.89 10.21 -33.85
C GLN A 161 7.87 10.14 -34.97
N GLU A 162 7.99 9.15 -35.84
CA GLU A 162 7.11 9.04 -37.00
C GLU A 162 5.90 8.15 -36.74
N ASN A 163 6.10 6.97 -36.16
CA ASN A 163 5.03 6.00 -35.94
C ASN A 163 5.54 4.88 -35.06
N GLY A 164 4.61 4.03 -34.62
CA GLY A 164 4.93 2.86 -33.83
C GLY A 164 5.14 1.63 -34.69
N SER A 168 0.41 0.46 -36.35
CA SER A 168 1.22 -0.17 -35.33
C SER A 168 0.65 -1.52 -34.92
N SER A 169 -0.63 -1.53 -34.50
CA SER A 169 -1.28 -2.78 -34.10
C SER A 169 -1.25 -3.81 -35.21
N MET A 170 -1.65 -3.40 -36.41
CA MET A 170 -1.61 -4.32 -37.55
C MET A 170 -0.20 -4.85 -37.79
N GLU A 171 0.80 -4.01 -37.52
CA GLU A 171 2.19 -4.40 -37.73
C GLU A 171 2.64 -5.45 -36.71
N LEU A 172 2.34 -5.21 -35.44
CA LEU A 172 2.81 -6.10 -34.38
C LEU A 172 2.14 -7.47 -34.48
N VAL A 173 0.82 -7.49 -34.63
CA VAL A 173 0.11 -8.74 -34.91
C VAL A 173 0.71 -9.41 -36.14
N GLY A 174 1.31 -8.61 -37.01
CA GLY A 174 2.11 -9.18 -38.09
C GLY A 174 3.27 -9.98 -37.58
N ARG A 175 4.02 -9.43 -36.63
CA ARG A 175 5.24 -10.09 -36.20
C ARG A 175 4.96 -11.28 -35.28
N ILE A 176 3.84 -11.24 -34.54
CA ILE A 176 3.43 -12.40 -33.75
C ILE A 176 3.18 -13.59 -34.67
N GLU A 177 2.38 -13.36 -35.73
CA GLU A 177 2.00 -14.43 -36.65
C GLU A 177 3.21 -15.13 -37.25
N ASN A 178 4.26 -14.36 -37.58
CA ASN A 178 5.48 -14.97 -38.10
C ASN A 178 6.24 -15.69 -37.00
N LEU A 179 6.25 -15.13 -35.79
CA LEU A 179 7.07 -15.67 -34.71
C LEU A 179 6.60 -17.07 -34.31
N ASN A 180 5.29 -17.23 -34.09
CA ASN A 180 4.75 -18.56 -33.78
C ASN A 180 5.08 -19.55 -34.89
N LYS A 181 5.01 -19.11 -36.15
CA LYS A 181 5.40 -19.98 -37.25
C LYS A 181 6.89 -20.28 -37.20
N LEU A 182 7.70 -19.29 -36.77
CA LEU A 182 9.12 -19.54 -36.59
C LEU A 182 9.37 -20.38 -35.35
N ILE A 183 8.59 -20.20 -34.30
CA ILE A 183 8.68 -21.08 -33.13
C ILE A 183 8.37 -22.51 -33.53
N ASP A 184 7.21 -22.71 -34.15
CA ASP A 184 6.81 -24.06 -34.56
C ASP A 184 7.82 -24.68 -35.50
N GLU A 185 8.34 -23.89 -36.44
CA GLU A 185 9.42 -24.38 -37.31
C GLU A 185 10.64 -24.75 -36.48
N ARG A 186 11.03 -23.89 -35.52
CA ARG A 186 12.17 -24.22 -34.67
C ARG A 186 11.81 -25.30 -33.67
N ASP A 187 10.57 -25.30 -33.17
CA ASP A 187 10.09 -26.45 -32.40
C ASP A 187 10.14 -27.71 -33.26
N SER A 188 9.81 -27.58 -34.55
CA SER A 188 9.93 -28.71 -35.46
C SER A 188 11.36 -29.23 -35.49
N GLU A 189 12.32 -28.38 -35.89
CA GLU A 189 13.70 -28.83 -35.97
C GLU A 189 14.29 -29.22 -34.63
N ILE A 190 13.56 -28.97 -33.52
CA ILE A 190 13.90 -29.62 -32.26
C ILE A 190 13.44 -31.08 -32.28
N GLU A 191 12.19 -31.32 -32.68
CA GLU A 191 11.63 -32.67 -32.61
C GLU A 191 12.25 -33.63 -33.62
N MET A 192 13.08 -33.14 -34.54
CA MET A 192 13.72 -34.02 -35.51
C MET A 192 15.05 -34.56 -35.00
N LEU A 193 15.91 -33.68 -34.47
CA LEU A 193 17.22 -34.11 -33.99
C LEU A 193 17.07 -35.05 -32.80
N LYS A 194 16.20 -34.71 -31.85
CA LYS A 194 15.81 -35.60 -30.77
C LYS A 194 14.56 -35.08 -30.08
N GLN B 58 14.63 -7.48 -31.60
CA GLN B 58 13.88 -7.18 -32.82
C GLN B 58 12.92 -5.98 -32.68
N PRO B 59 12.34 -5.75 -31.49
CA PRO B 59 11.68 -4.46 -31.26
C PRO B 59 12.60 -3.40 -30.66
N LYS B 60 13.37 -2.71 -31.51
CA LYS B 60 14.24 -1.63 -31.06
C LYS B 60 14.38 -0.49 -32.08
N MET B 61 14.02 -0.70 -33.35
CA MET B 61 14.17 0.27 -34.43
C MET B 61 15.58 0.86 -34.40
N ILE B 62 15.71 2.16 -34.67
CA ILE B 62 16.95 2.91 -34.60
C ILE B 62 17.89 2.48 -35.72
N THR B 63 18.69 3.42 -36.22
CA THR B 63 19.60 3.13 -37.32
C THR B 63 21.00 3.73 -37.12
N ILE B 64 21.09 4.98 -36.68
CA ILE B 64 22.39 5.58 -36.40
C ILE B 64 22.41 6.03 -34.95
N SER B 65 21.99 7.27 -34.70
CA SER B 65 21.94 7.87 -33.36
C SER B 65 23.29 7.87 -32.64
N GLY B 66 24.28 7.15 -33.17
CA GLY B 66 25.62 7.18 -32.62
C GLY B 66 25.92 6.08 -31.61
N GLU B 67 26.64 6.44 -30.54
CA GLU B 67 27.01 5.50 -29.49
C GLU B 67 25.83 5.07 -28.63
N GLN B 68 24.66 5.70 -28.79
CA GLN B 68 23.52 5.37 -27.96
C GLN B 68 23.00 3.96 -28.27
N LEU B 69 23.06 3.55 -29.53
CA LEU B 69 22.71 2.17 -29.84
C LEU B 69 23.77 1.22 -29.29
N ASN B 70 25.04 1.65 -29.25
CA ASN B 70 26.06 0.93 -28.51
C ASN B 70 25.80 0.95 -27.00
N LEU B 71 24.82 1.72 -26.55
CA LEU B 71 24.39 1.74 -25.16
C LEU B 71 23.04 1.06 -24.95
N ILE B 72 22.09 1.27 -25.86
CA ILE B 72 20.74 0.78 -25.62
C ILE B 72 20.62 -0.70 -25.98
N THR B 73 21.33 -1.17 -27.01
CA THR B 73 21.38 -2.59 -27.26
C THR B 73 22.22 -3.31 -26.21
N GLU B 74 23.05 -2.57 -25.48
CA GLU B 74 23.80 -3.13 -24.36
C GLU B 74 22.91 -3.24 -23.12
N ASN B 75 22.13 -2.19 -22.82
CA ASN B 75 21.29 -2.20 -21.63
C ASN B 75 20.15 -3.21 -21.76
N LYS B 76 19.74 -3.53 -22.98
CA LYS B 76 18.74 -4.57 -23.17
C LYS B 76 19.31 -5.95 -22.85
N GLU B 77 20.57 -6.19 -23.24
CA GLU B 77 21.28 -7.41 -22.85
C GLU B 77 21.14 -7.68 -21.36
N LEU B 78 21.72 -6.80 -20.55
CA LEU B 78 21.73 -6.97 -19.10
C LEU B 78 20.32 -7.09 -18.52
N MET B 79 19.32 -6.51 -19.18
CA MET B 79 17.94 -6.73 -18.77
C MET B 79 17.50 -8.15 -19.11
N ASN B 80 17.71 -8.58 -20.36
CA ASN B 80 17.37 -9.94 -20.76
C ASN B 80 18.31 -10.96 -20.17
N GLU B 81 19.29 -10.53 -19.37
CA GLU B 81 20.22 -11.40 -18.69
C GLU B 81 20.12 -11.30 -17.17
N LEU B 82 19.54 -10.22 -16.64
CA LEU B 82 19.28 -10.14 -15.21
C LEU B 82 18.15 -11.09 -14.81
N THR B 83 17.14 -11.23 -15.66
CA THR B 83 16.09 -12.21 -15.40
C THR B 83 16.60 -13.64 -15.55
N LEU B 84 17.72 -13.84 -16.23
CA LEU B 84 18.33 -15.17 -16.31
C LEU B 84 18.99 -15.56 -14.99
N VAL B 85 19.81 -14.66 -14.43
CA VAL B 85 20.44 -14.95 -13.15
C VAL B 85 19.40 -15.10 -12.05
N SER B 86 18.29 -14.37 -12.15
CA SER B 86 17.30 -14.36 -11.07
C SER B 86 16.38 -15.59 -11.12
N THR B 87 15.99 -16.02 -12.32
CA THR B 87 15.18 -17.23 -12.40
C THR B 87 16.03 -18.49 -12.23
N GLU B 88 17.28 -18.47 -12.66
CA GLU B 88 18.17 -19.60 -12.43
C GLU B 88 18.78 -19.57 -11.04
N LEU B 89 18.47 -18.55 -10.23
CA LEU B 89 18.68 -18.57 -8.80
C LEU B 89 17.44 -18.95 -8.04
N ALA B 90 16.25 -18.63 -8.57
CA ALA B 90 15.01 -19.12 -7.99
C ALA B 90 14.93 -20.64 -8.04
N GLU B 91 15.36 -21.22 -9.15
CA GLU B 91 15.43 -22.67 -9.24
C GLU B 91 16.47 -23.25 -8.28
N SER B 92 17.38 -22.41 -7.77
CA SER B 92 18.37 -22.88 -6.80
C SER B 92 17.84 -22.79 -5.38
N ILE B 93 17.20 -21.66 -5.04
CA ILE B 93 16.76 -21.43 -3.67
C ILE B 93 15.68 -22.42 -3.27
N LYS B 94 14.72 -22.69 -4.16
CA LYS B 94 13.67 -23.66 -3.88
C LYS B 94 14.27 -24.98 -3.41
N ARG B 95 15.30 -25.46 -4.13
CA ARG B 95 15.86 -26.78 -3.82
C ARG B 95 16.43 -26.84 -2.41
N GLU B 96 16.92 -25.71 -1.88
CA GLU B 96 17.37 -25.69 -0.49
C GLU B 96 16.25 -26.09 0.44
N THR B 97 15.04 -25.58 0.21
CA THR B 97 13.90 -25.99 1.01
C THR B 97 13.57 -27.46 0.81
N GLU B 98 13.63 -27.92 -0.44
CA GLU B 98 13.51 -29.36 -0.70
C GLU B 98 14.60 -30.16 -0.02
N LEU B 99 15.66 -29.51 0.46
CA LEU B 99 16.63 -30.12 1.36
C LEU B 99 16.44 -29.69 2.80
N GLU B 100 15.89 -28.50 3.02
CA GLU B 100 15.57 -28.06 4.38
C GLU B 100 14.37 -28.82 4.93
N GLU B 101 13.25 -28.78 4.22
CA GLU B 101 12.09 -29.58 4.61
C GLU B 101 12.48 -31.05 4.66
N ARG B 102 13.41 -31.47 3.80
CA ARG B 102 13.95 -32.81 3.83
C ARG B 102 14.57 -33.16 5.18
N ILE B 103 15.22 -32.17 5.81
CA ILE B 103 16.02 -32.43 7.00
C ILE B 103 15.15 -32.84 8.18
N ARG B 104 13.99 -32.19 8.33
CA ARG B 104 13.22 -32.34 9.55
C ARG B 104 12.80 -33.79 9.80
N LEU B 105 12.51 -34.48 8.73
CA LEU B 105 12.30 -35.90 8.91
C LEU B 105 13.67 -36.58 8.77
N TYR B 106 14.74 -35.77 8.71
CA TYR B 106 16.12 -36.17 8.67
C TYR B 106 16.39 -37.40 7.81
N PHE B 123 24.10 -20.31 14.50
CA PHE B 123 25.26 -20.28 15.38
C PHE B 123 25.44 -19.04 16.21
N SER B 124 26.57 -18.38 16.03
CA SER B 124 26.93 -17.27 16.89
C SER B 124 25.82 -16.21 16.87
N ASP B 125 25.36 -15.83 18.05
CA ASP B 125 24.26 -14.86 18.16
C ASP B 125 24.75 -13.42 18.01
N PHE B 126 26.01 -13.13 18.36
CA PHE B 126 26.52 -11.78 18.24
C PHE B 126 26.87 -11.41 16.80
N GLU B 127 26.79 -12.35 15.87
CA GLU B 127 26.97 -12.04 14.46
C GLU B 127 25.90 -12.68 13.58
N LYS B 128 24.97 -13.46 14.13
CA LYS B 128 23.83 -13.92 13.35
C LYS B 128 23.00 -12.75 12.86
N GLU B 129 22.87 -11.71 13.69
CA GLU B 129 22.08 -10.54 13.34
C GLU B 129 22.73 -9.75 12.20
N LEU B 130 24.02 -9.45 12.33
CA LEU B 130 24.72 -8.61 11.35
C LEU B 130 24.99 -9.33 10.04
N ARG B 131 24.74 -10.65 9.96
CA ARG B 131 24.72 -11.36 8.70
C ARG B 131 23.32 -11.47 8.12
N LYS B 132 22.32 -10.98 8.85
CA LYS B 132 20.98 -10.78 8.31
C LYS B 132 20.59 -9.31 8.21
N LYS B 133 21.06 -8.47 9.13
CA LYS B 133 20.93 -7.03 8.95
C LYS B 133 21.55 -6.57 7.64
N SER B 134 22.64 -7.23 7.22
CA SER B 134 23.22 -6.95 5.91
C SER B 134 22.26 -7.35 4.80
N SER B 135 21.42 -8.36 5.03
CA SER B 135 20.43 -8.77 4.05
C SER B 135 19.10 -8.06 4.24
N LYS B 136 18.80 -7.59 5.46
CA LYS B 136 17.59 -6.81 5.68
C LYS B 136 17.69 -5.44 5.03
N ILE B 137 18.87 -4.82 5.06
CA ILE B 137 19.01 -3.45 4.56
C ILE B 137 18.74 -3.41 3.05
N VAL B 138 19.31 -4.35 2.30
CA VAL B 138 19.17 -4.36 0.85
C VAL B 138 17.78 -4.87 0.48
N GLN B 139 16.98 -5.20 1.49
CA GLN B 139 15.55 -5.41 1.30
C GLN B 139 14.73 -4.19 1.65
N LEU B 140 15.32 -3.19 2.33
CA LEU B 140 14.66 -1.91 2.47
C LEU B 140 14.79 -1.11 1.18
N ILE B 141 15.99 -1.09 0.59
CA ILE B 141 16.21 -0.36 -0.64
C ILE B 141 15.51 -1.04 -1.81
N GLN B 142 15.45 -2.37 -1.81
CA GLN B 142 14.75 -3.09 -2.87
C GLN B 142 13.26 -2.73 -2.90
N GLN B 143 12.59 -2.81 -1.74
CA GLN B 143 11.17 -2.46 -1.68
C GLN B 143 10.94 -1.02 -2.08
N LEU B 144 11.70 -0.09 -1.50
CA LEU B 144 11.59 1.32 -1.88
C LEU B 144 11.83 1.51 -3.37
N ASN B 145 12.85 0.85 -3.92
CA ASN B 145 13.14 0.98 -5.34
C ASN B 145 12.03 0.37 -6.18
N ASP B 146 11.48 -0.76 -5.74
CA ASP B 146 10.41 -1.42 -6.48
C ASP B 146 9.21 -0.50 -6.67
N GLU B 147 8.83 0.23 -5.62
CA GLU B 147 7.59 0.98 -5.65
C GLU B 147 7.72 2.24 -6.49
N ARG B 148 8.73 3.08 -6.19
CA ARG B 148 8.94 4.29 -6.98
C ARG B 148 9.12 3.98 -8.46
N LEU B 149 9.56 2.77 -8.79
CA LEU B 149 9.64 2.36 -10.19
C LEU B 149 8.31 1.85 -10.71
N LYS B 150 7.60 1.06 -9.91
CA LYS B 150 6.30 0.57 -10.32
C LYS B 150 5.32 1.72 -10.55
N ARG B 151 5.54 2.86 -9.90
CA ARG B 151 4.74 4.03 -10.21
C ARG B 151 5.28 4.75 -11.45
N PHE B 152 6.58 4.63 -11.72
CA PHE B 152 7.11 5.08 -13.01
C PHE B 152 6.47 4.35 -14.19
N ILE B 153 5.87 3.18 -13.96
CA ILE B 153 5.12 2.54 -15.04
C ILE B 153 3.65 2.94 -15.03
N ALA B 154 3.16 3.51 -13.93
CA ALA B 154 1.75 3.87 -13.85
C ALA B 154 1.41 4.98 -14.83
N GLU B 155 2.10 6.12 -14.71
CA GLU B 155 1.86 7.25 -15.60
C GLU B 155 2.17 6.89 -17.05
N GLU B 156 3.27 6.18 -17.28
CA GLU B 156 3.73 5.96 -18.65
C GLU B 156 2.94 4.87 -19.34
N GLN B 157 2.32 3.96 -18.58
CA GLN B 157 1.27 3.12 -19.14
C GLN B 157 -0.03 3.90 -19.28
N LEU B 158 -0.30 4.80 -18.34
CA LEU B 158 -1.49 5.65 -18.42
C LEU B 158 -1.47 6.49 -19.70
N LEU B 159 -0.36 7.19 -19.94
CA LEU B 159 -0.25 8.02 -21.13
C LEU B 159 -0.35 7.20 -22.41
N LEU B 160 0.01 5.92 -22.37
CA LEU B 160 -0.15 5.06 -23.53
C LEU B 160 -1.62 4.72 -23.75
N GLN B 161 -2.29 4.19 -22.71
CA GLN B 161 -3.73 4.00 -22.76
C GLN B 161 -4.46 5.31 -23.00
N GLU B 162 -3.81 6.44 -22.73
CA GLU B 162 -4.27 7.76 -23.11
C GLU B 162 -4.07 7.99 -24.60
N ASN B 163 -2.81 8.08 -25.04
CA ASN B 163 -2.46 8.30 -26.45
C ASN B 163 -2.85 7.11 -27.36
N GLY B 164 -3.66 6.13 -26.96
CA GLY B 164 -3.99 5.04 -27.84
C GLY B 164 -5.47 4.79 -28.01
N THR B 165 -6.13 4.42 -26.91
CA THR B 165 -7.54 4.01 -26.86
C THR B 165 -7.77 2.66 -27.55
N LYS B 166 -8.05 1.63 -26.73
CA LYS B 166 -8.53 0.26 -26.99
C LYS B 166 -7.66 -0.53 -27.98
N PRO B 167 -7.96 -1.85 -28.25
CA PRO B 167 -6.90 -2.85 -28.43
C PRO B 167 -5.49 -2.45 -28.01
N SER B 168 -5.10 -2.96 -26.85
CA SER B 168 -3.83 -2.60 -26.23
C SER B 168 -2.66 -2.90 -27.14
N SER B 169 -1.87 -1.87 -27.44
CA SER B 169 -0.51 -2.12 -27.91
C SER B 169 0.34 -2.72 -26.80
N MET B 170 -0.12 -2.60 -25.55
CA MET B 170 0.53 -3.18 -24.39
C MET B 170 0.74 -4.68 -24.55
N GLU B 171 -0.36 -5.43 -24.46
CA GLU B 171 -0.30 -6.89 -24.45
C GLU B 171 0.29 -7.46 -25.73
N LEU B 172 0.35 -6.68 -26.81
CA LEU B 172 0.97 -7.16 -28.03
C LEU B 172 2.49 -7.14 -27.90
N VAL B 173 3.07 -5.97 -27.66
CA VAL B 173 4.51 -5.86 -27.42
C VAL B 173 4.92 -6.73 -26.25
N GLY B 174 4.03 -6.92 -25.27
CA GLY B 174 4.27 -7.85 -24.19
C GLY B 174 4.36 -9.28 -24.67
N ARG B 175 3.27 -9.78 -25.27
CA ARG B 175 3.28 -11.13 -25.82
C ARG B 175 4.21 -11.27 -27.02
N ILE B 176 4.74 -10.16 -27.54
CA ILE B 176 5.80 -10.23 -28.55
C ILE B 176 7.14 -10.49 -27.88
N GLU B 177 7.42 -9.77 -26.79
CA GLU B 177 8.73 -9.87 -26.15
C GLU B 177 8.92 -11.24 -25.49
N ASN B 178 7.90 -11.74 -24.80
CA ASN B 178 7.96 -13.07 -24.22
C ASN B 178 8.16 -14.13 -25.30
N LEU B 179 7.80 -13.84 -26.54
CA LEU B 179 7.95 -14.81 -27.63
C LEU B 179 9.41 -14.92 -28.06
N ASN B 180 10.09 -13.78 -28.20
CA ASN B 180 11.53 -13.82 -28.46
C ASN B 180 12.25 -14.63 -27.41
N LYS B 181 11.87 -14.47 -26.14
CA LYS B 181 12.50 -15.22 -25.05
C LYS B 181 12.44 -16.71 -25.29
N LEU B 182 11.25 -17.23 -25.62
CA LEU B 182 11.11 -18.66 -25.85
C LEU B 182 11.89 -19.10 -27.07
N ILE B 183 11.92 -18.27 -28.12
CA ILE B 183 12.88 -18.50 -29.20
C ILE B 183 14.30 -18.45 -28.65
N ASP B 184 14.61 -17.38 -27.92
CA ASP B 184 15.92 -17.24 -27.31
C ASP B 184 16.19 -18.29 -26.24
N GLU B 185 15.16 -18.99 -25.77
CA GLU B 185 15.34 -20.13 -24.88
C GLU B 185 15.34 -21.46 -25.61
N ARG B 186 14.96 -21.48 -26.89
CA ARG B 186 15.05 -22.66 -27.73
C ARG B 186 16.18 -22.60 -28.75
N ASP B 187 16.39 -21.45 -29.38
CA ASP B 187 17.52 -21.32 -30.31
C ASP B 187 18.84 -21.59 -29.60
N SER B 188 18.97 -21.15 -28.35
CA SER B 188 20.13 -21.50 -27.55
C SER B 188 20.29 -23.02 -27.45
N GLU B 189 19.17 -23.73 -27.31
CA GLU B 189 19.25 -25.19 -27.25
C GLU B 189 19.61 -25.79 -28.60
N ILE B 190 19.17 -25.17 -29.70
CA ILE B 190 19.65 -25.60 -31.02
C ILE B 190 21.17 -25.59 -31.05
N GLU B 191 21.78 -24.62 -30.36
CA GLU B 191 23.22 -24.52 -30.25
C GLU B 191 23.80 -25.33 -29.09
N MET B 192 22.97 -25.81 -28.16
CA MET B 192 23.45 -26.82 -27.23
C MET B 192 23.58 -28.18 -27.92
N LEU B 193 22.64 -28.50 -28.79
CA LEU B 193 22.67 -29.76 -29.53
C LEU B 193 23.67 -29.69 -30.68
N TYR C 49 14.51 -19.26 26.47
CA TYR C 49 15.80 -19.80 26.08
C TYR C 49 16.54 -18.87 25.12
N ASP C 50 17.43 -19.45 24.32
CA ASP C 50 18.14 -18.69 23.29
C ASP C 50 17.39 -18.67 21.97
N GLU C 51 16.72 -19.78 21.61
CA GLU C 51 15.89 -19.79 20.41
C GLU C 51 14.79 -18.75 20.48
N ILE C 52 14.28 -18.49 21.69
CA ILE C 52 13.29 -17.43 21.86
C ILE C 52 13.95 -16.07 21.65
N PHE C 53 15.24 -15.95 21.99
CA PHE C 53 15.98 -14.74 21.67
C PHE C 53 16.28 -14.66 20.17
N THR C 54 16.37 -15.81 19.49
CA THR C 54 16.64 -15.79 18.05
C THR C 54 15.46 -15.20 17.29
N GLU C 55 14.25 -15.70 17.54
CA GLU C 55 13.07 -15.08 16.96
C GLU C 55 12.98 -13.61 17.34
N ASN C 56 13.47 -13.25 18.51
CA ASN C 56 13.56 -11.86 18.93
C ASN C 56 14.57 -11.05 18.12
N ILE C 57 15.20 -11.65 17.12
CA ILE C 57 16.08 -10.94 16.20
C ILE C 57 15.42 -10.76 14.84
N LYS C 58 15.07 -11.87 14.17
CA LYS C 58 14.54 -11.78 12.82
C LYS C 58 13.20 -11.05 12.77
N LEU C 59 12.37 -11.25 13.80
CA LEU C 59 11.08 -10.54 13.83
C LEU C 59 11.27 -9.08 14.22
N LYS C 60 12.30 -8.77 15.01
CA LYS C 60 12.65 -7.39 15.26
C LYS C 60 13.09 -6.69 13.98
N LEU C 61 13.61 -7.46 13.01
CA LEU C 61 13.97 -6.94 11.70
C LEU C 61 12.82 -7.04 10.70
N GLN C 62 12.07 -8.14 10.73
CA GLN C 62 10.96 -8.32 9.81
C GLN C 62 9.86 -7.28 10.03
N VAL C 63 9.86 -6.62 11.18
CA VAL C 63 8.97 -5.48 11.40
C VAL C 63 9.46 -4.28 10.59
N GLN C 64 10.76 -4.03 10.59
CA GLN C 64 11.36 -2.82 10.02
C GLN C 64 11.41 -2.84 8.50
N GLU C 65 11.05 -3.94 7.86
CA GLU C 65 10.90 -3.98 6.41
C GLU C 65 9.46 -3.78 5.96
N TYR C 66 8.51 -4.35 6.70
CA TYR C 66 7.11 -3.97 6.49
C TYR C 66 6.93 -2.47 6.67
N GLU C 67 7.46 -1.94 7.78
CA GLU C 67 7.30 -0.53 8.09
C GLU C 67 7.78 0.39 6.98
N THR C 68 8.62 -0.10 6.06
CA THR C 68 9.01 0.67 4.91
C THR C 68 8.48 0.11 3.59
N GLU C 69 7.82 -1.07 3.63
CA GLU C 69 6.88 -1.41 2.56
C GLU C 69 5.61 -0.60 2.70
N ILE C 70 5.05 -0.54 3.92
CA ILE C 70 3.87 0.25 4.19
C ILE C 70 4.07 1.69 3.76
N GLU C 71 5.25 2.25 4.05
CA GLU C 71 5.56 3.60 3.62
C GLU C 71 5.50 3.73 2.10
N SER C 72 6.22 2.84 1.40
CA SER C 72 6.36 2.97 -0.05
C SER C 72 5.03 2.84 -0.78
N LEU C 73 4.04 2.17 -0.18
CA LEU C 73 2.73 2.10 -0.78
C LEU C 73 1.89 3.33 -0.49
N GLU C 74 2.21 4.08 0.56
CA GLU C 74 1.68 5.43 0.68
C GLU C 74 2.33 6.37 -0.33
N LYS C 75 3.63 6.17 -0.58
CA LYS C 75 4.35 7.08 -1.46
C LYS C 75 3.83 7.00 -2.88
N VAL C 76 3.28 5.85 -3.28
CA VAL C 76 2.64 5.78 -4.58
C VAL C 76 1.22 6.35 -4.51
N ILE C 77 0.39 5.83 -3.59
CA ILE C 77 -0.99 6.28 -3.43
C ILE C 77 -1.08 7.80 -3.44
N ASP C 78 -0.23 8.45 -2.62
CA ASP C 78 -0.20 9.91 -2.59
C ASP C 78 0.11 10.49 -3.97
N MET C 79 1.26 10.10 -4.55
CA MET C 79 1.68 10.59 -5.84
C MET C 79 0.88 10.01 -7.00
N LEU C 80 0.00 9.04 -6.75
CA LEU C 80 -0.76 8.40 -7.82
C LEU C 80 -2.08 9.11 -8.11
N GLN C 81 -2.89 9.38 -7.09
CA GLN C 81 -4.18 10.00 -7.32
C GLN C 81 -4.02 11.43 -7.86
N LYS C 82 -2.97 12.13 -7.44
CA LYS C 82 -2.69 13.44 -8.01
C LYS C 82 -2.02 13.34 -9.38
N ASN C 83 -1.74 12.12 -9.85
CA ASN C 83 -1.31 11.90 -11.23
C ASN C 83 -2.49 11.58 -12.14
N ARG C 84 -3.46 10.83 -11.62
CA ARG C 84 -4.70 10.60 -12.36
C ARG C 84 -5.38 11.92 -12.70
N GLU C 85 -5.52 12.79 -11.70
CA GLU C 85 -6.16 14.08 -11.90
C GLU C 85 -5.28 15.03 -12.72
N ALA C 86 -3.96 14.79 -12.76
CA ALA C 86 -3.09 15.60 -13.61
C ALA C 86 -3.33 15.31 -15.09
N SER C 87 -3.74 14.09 -15.43
CA SER C 87 -4.20 13.82 -16.79
C SER C 87 -5.33 14.79 -17.18
N LEU C 88 -6.46 14.73 -16.45
CA LEU C 88 -7.57 15.63 -16.72
C LEU C 88 -7.13 17.10 -16.75
N GLU C 89 -6.14 17.46 -15.94
CA GLU C 89 -5.65 18.84 -15.95
C GLU C 89 -4.95 19.16 -17.26
N VAL C 90 -4.17 18.21 -17.79
CA VAL C 90 -3.54 18.40 -19.09
C VAL C 90 -4.46 17.96 -20.23
N VAL C 91 -5.47 17.13 -19.96
CA VAL C 91 -6.54 16.93 -20.96
C VAL C 91 -7.12 18.25 -21.40
N THR D 63 -37.57 10.15 -6.09
CA THR D 63 -36.86 8.98 -6.61
C THR D 63 -36.13 8.18 -5.53
N ILE D 64 -36.66 7.01 -5.19
CA ILE D 64 -35.91 6.21 -4.23
C ILE D 64 -35.01 5.19 -4.93
N SER D 65 -35.56 4.04 -5.39
CA SER D 65 -34.74 2.87 -5.76
C SER D 65 -33.63 3.20 -6.71
N GLY D 66 -33.60 4.46 -7.16
CA GLY D 66 -32.60 4.93 -8.10
C GLY D 66 -31.17 4.94 -7.60
N GLU D 67 -30.88 5.58 -6.45
CA GLU D 67 -29.49 5.52 -5.99
C GLU D 67 -29.13 4.13 -5.49
N GLN D 68 -30.13 3.35 -5.11
CA GLN D 68 -29.94 2.00 -4.60
C GLN D 68 -28.96 1.98 -3.43
N LEU D 69 -27.67 1.78 -3.70
CA LEU D 69 -26.72 1.71 -2.60
C LEU D 69 -26.38 3.09 -2.06
N ASN D 70 -26.23 4.07 -2.95
CA ASN D 70 -25.67 5.38 -2.62
C ASN D 70 -24.37 5.20 -1.84
N LEU D 71 -24.48 5.22 -0.52
CA LEU D 71 -23.36 4.90 0.36
C LEU D 71 -23.91 4.59 1.75
N ILE D 72 -24.54 5.59 2.37
CA ILE D 72 -24.92 5.55 3.78
C ILE D 72 -25.99 4.48 4.01
N THR D 73 -25.60 3.22 3.79
CA THR D 73 -26.43 2.06 4.05
C THR D 73 -25.89 1.36 5.31
N GLU D 74 -26.60 0.32 5.75
CA GLU D 74 -26.22 -0.46 6.92
C GLU D 74 -25.99 0.43 8.13
N ASN D 75 -27.06 0.73 8.87
CA ASN D 75 -26.95 1.55 10.06
C ASN D 75 -26.57 0.75 11.30
N LYS D 76 -27.07 -0.49 11.41
CA LYS D 76 -26.63 -1.37 12.48
C LYS D 76 -25.13 -1.59 12.44
N GLU D 77 -24.47 -1.32 11.31
CA GLU D 77 -23.02 -1.24 11.29
C GLU D 77 -22.52 0.08 11.88
N LEU D 78 -23.27 1.16 11.66
CA LEU D 78 -22.84 2.46 12.16
C LEU D 78 -22.93 2.53 13.69
N MET D 79 -24.06 2.08 14.25
CA MET D 79 -24.16 2.00 15.71
C MET D 79 -23.19 1.00 16.31
N ASN D 80 -22.55 0.16 15.49
CA ASN D 80 -21.57 -0.80 16.00
C ASN D 80 -20.26 -0.11 16.33
N GLU D 81 -19.77 0.75 15.43
CA GLU D 81 -18.53 1.48 15.69
C GLU D 81 -18.67 2.40 16.89
N LEU D 82 -19.85 2.99 17.07
CA LEU D 82 -20.06 3.94 18.16
C LEU D 82 -19.94 3.26 19.51
N THR D 83 -20.60 2.11 19.69
CA THR D 83 -20.51 1.38 20.94
C THR D 83 -19.06 1.01 21.25
N LEU D 84 -18.31 0.59 20.23
CA LEU D 84 -16.89 0.29 20.41
C LEU D 84 -16.15 1.44 21.07
N VAL D 85 -16.11 2.60 20.41
CA VAL D 85 -15.35 3.74 20.91
C VAL D 85 -15.83 4.13 22.31
N SER D 86 -17.15 4.12 22.53
CA SER D 86 -17.66 4.32 23.87
C SER D 86 -17.27 3.17 24.79
N THR D 87 -17.24 1.94 24.26
CA THR D 87 -16.72 0.82 25.04
C THR D 87 -15.23 0.96 25.28
N GLU D 88 -14.48 1.48 24.29
CA GLU D 88 -13.06 1.72 24.49
C GLU D 88 -12.80 2.92 25.38
N LEU D 89 -13.71 3.91 25.38
CA LEU D 89 -13.56 5.05 26.26
C LEU D 89 -13.53 4.59 27.72
N ALA D 90 -14.45 3.71 28.10
CA ALA D 90 -14.43 3.15 29.44
C ALA D 90 -13.13 2.40 29.70
N GLU D 91 -12.55 1.81 28.66
CA GLU D 91 -11.31 1.06 28.84
C GLU D 91 -10.12 1.98 29.07
N SER D 92 -10.13 3.18 28.47
CA SER D 92 -9.00 4.09 28.63
C SER D 92 -9.01 4.79 29.98
N ILE D 93 -10.19 5.05 30.55
CA ILE D 93 -10.27 5.80 31.81
C ILE D 93 -9.76 4.94 32.96
N LYS D 94 -10.17 3.68 33.03
CA LYS D 94 -9.75 2.82 34.12
C LYS D 94 -8.24 2.66 34.14
N ARG D 95 -7.61 2.63 32.96
CA ARG D 95 -6.17 2.77 32.87
C ARG D 95 -5.71 4.06 33.53
N GLU D 96 -6.27 5.19 33.06
CA GLU D 96 -5.86 6.51 33.55
C GLU D 96 -5.88 6.59 35.06
N THR D 97 -6.92 6.04 35.69
CA THR D 97 -7.08 6.15 37.13
C THR D 97 -5.93 5.46 37.86
N GLU D 98 -5.87 4.12 37.78
CA GLU D 98 -4.82 3.36 38.45
C GLU D 98 -3.45 3.97 38.23
N LEU D 99 -3.20 4.47 37.01
CA LEU D 99 -1.99 5.25 36.76
C LEU D 99 -1.97 6.51 37.62
N GLU D 100 -3.00 7.35 37.50
CA GLU D 100 -3.11 8.56 38.31
C GLU D 100 -3.01 8.25 39.80
N GLU D 101 -3.44 7.06 40.20
CA GLU D 101 -3.32 6.67 41.59
C GLU D 101 -1.92 6.18 41.91
N ARG D 102 -1.39 5.32 41.04
CA ARG D 102 -0.05 4.78 41.26
C ARG D 102 0.97 5.90 41.43
N ILE D 103 0.77 7.03 40.75
CA ILE D 103 1.72 8.13 40.81
C ILE D 103 1.73 8.77 42.20
N ARG D 104 0.57 9.26 42.64
CA ARG D 104 0.50 9.86 43.98
C ARG D 104 0.96 8.89 45.06
N LEU D 105 0.89 7.59 44.80
CA LEU D 105 1.52 6.63 45.69
C LEU D 105 3.04 6.81 45.73
N TYR D 106 3.65 7.20 44.60
CA TYR D 106 5.09 7.38 44.56
C TYR D 106 5.54 8.73 45.10
N GLU D 107 4.62 9.66 45.34
CA GLU D 107 4.93 10.89 46.06
C GLU D 107 4.09 11.00 47.31
N THR D 108 3.92 9.86 47.99
CA THR D 108 3.32 9.80 49.32
C THR D 108 3.94 8.64 50.07
N ASN D 109 4.14 7.51 49.39
CA ASN D 109 4.87 6.38 49.97
C ASN D 109 6.38 6.58 49.90
N ASN D 110 6.85 7.54 49.10
CA ASN D 110 8.26 7.88 49.08
C ASN D 110 8.63 8.62 50.36
N SER D 120 4.58 -7.15 33.53
CA SER D 120 3.76 -7.07 34.73
C SER D 120 2.37 -6.55 34.38
N VAL D 121 1.61 -6.19 35.41
CA VAL D 121 0.33 -5.51 35.18
C VAL D 121 0.59 -4.10 34.70
N SER D 122 1.62 -3.44 35.23
CA SER D 122 2.03 -2.14 34.72
C SER D 122 2.41 -2.22 33.25
N PHE D 123 3.20 -3.22 32.90
CA PHE D 123 3.66 -3.38 31.52
C PHE D 123 2.57 -3.92 30.60
N SER D 124 1.44 -4.38 31.14
CA SER D 124 0.36 -4.92 30.33
C SER D 124 -0.65 -3.83 29.95
N ASP D 125 -1.17 -3.11 30.93
CA ASP D 125 -2.02 -1.96 30.65
C ASP D 125 -1.31 -0.95 29.76
N PHE D 126 0.03 -0.99 29.75
CA PHE D 126 0.80 -0.30 28.72
C PHE D 126 0.52 -0.90 27.35
N GLU D 127 0.75 -2.21 27.19
CA GLU D 127 0.55 -2.83 25.90
C GLU D 127 -0.90 -3.21 25.64
N LYS D 128 -1.82 -2.73 26.48
CA LYS D 128 -3.23 -2.72 26.14
C LYS D 128 -3.74 -1.30 25.88
N GLU D 129 -2.87 -0.29 25.96
CA GLU D 129 -3.21 1.07 25.57
C GLU D 129 -2.56 1.49 24.25
N LEU D 130 -1.32 1.06 23.99
CA LEU D 130 -0.72 1.28 22.67
C LEU D 130 -1.52 0.58 21.58
N ARG D 131 -2.25 -0.48 21.93
CA ARG D 131 -3.10 -1.16 20.97
C ARG D 131 -4.38 -0.40 20.69
N LYS D 132 -4.91 0.29 21.71
CA LYS D 132 -6.05 1.17 21.50
C LYS D 132 -5.64 2.46 20.79
N LYS D 133 -4.37 2.85 20.86
CA LYS D 133 -3.91 4.05 20.18
C LYS D 133 -3.87 3.86 18.67
N SER D 134 -4.02 2.63 18.17
CA SER D 134 -4.19 2.41 16.73
C SER D 134 -5.64 2.23 16.33
N SER D 135 -6.44 1.56 17.17
CA SER D 135 -7.87 1.41 16.91
C SER D 135 -8.53 2.76 16.69
N LYS D 136 -8.36 3.67 17.66
CA LYS D 136 -8.85 5.03 17.50
C LYS D 136 -8.25 5.71 16.28
N ILE D 137 -6.92 5.62 16.13
CA ILE D 137 -6.27 6.16 14.93
C ILE D 137 -6.88 5.57 13.68
N VAL D 138 -7.30 4.30 13.72
CA VAL D 138 -8.00 3.73 12.58
C VAL D 138 -9.34 4.41 12.36
N GLN D 139 -10.18 4.42 13.40
CA GLN D 139 -11.55 4.92 13.21
C GLN D 139 -11.56 6.37 12.79
N LEU D 140 -10.74 7.21 13.41
CA LEU D 140 -10.68 8.60 12.98
C LEU D 140 -10.26 8.71 11.52
N ILE D 141 -9.36 7.83 11.08
CA ILE D 141 -9.08 7.70 9.65
C ILE D 141 -10.28 7.08 8.94
N GLN D 142 -10.83 6.01 9.51
CA GLN D 142 -12.02 5.38 8.95
C GLN D 142 -13.19 6.37 8.87
N GLN D 143 -13.41 7.14 9.93
CA GLN D 143 -14.57 8.02 9.94
C GLN D 143 -14.40 9.21 8.99
N LEU D 144 -13.17 9.67 8.78
CA LEU D 144 -12.97 10.72 7.79
C LEU D 144 -13.21 10.20 6.38
N ASN D 145 -12.62 9.05 6.04
CA ASN D 145 -12.90 8.43 4.75
C ASN D 145 -14.28 7.78 4.70
N ASP D 146 -15.01 7.74 5.82
CA ASP D 146 -16.43 7.37 5.76
C ASP D 146 -17.27 8.57 5.34
N GLU D 147 -16.93 9.76 5.83
CA GLU D 147 -17.69 10.96 5.50
C GLU D 147 -17.16 11.65 4.25
N ARG D 148 -15.87 11.60 3.97
CA ARG D 148 -15.37 12.18 2.72
C ARG D 148 -16.06 11.54 1.54
N LEU D 149 -16.28 10.23 1.61
CA LEU D 149 -16.87 9.50 0.50
C LEU D 149 -18.29 10.00 0.28
N LYS D 150 -19.00 10.30 1.38
CA LYS D 150 -20.36 10.81 1.38
C LYS D 150 -20.50 12.07 0.53
N ARG D 151 -19.80 13.14 0.90
CA ARG D 151 -19.92 14.42 0.19
C ARG D 151 -19.79 14.22 -1.31
N PHE D 152 -18.92 13.30 -1.71
CA PHE D 152 -18.63 13.03 -3.10
C PHE D 152 -19.60 12.03 -3.71
N ILE D 153 -20.49 11.44 -2.91
CA ILE D 153 -21.60 10.63 -3.40
C ILE D 153 -22.88 11.45 -3.37
N ALA D 154 -22.99 12.35 -2.39
CA ALA D 154 -24.16 13.24 -2.34
C ALA D 154 -24.26 14.10 -3.59
N GLU D 155 -23.11 14.47 -4.17
CA GLU D 155 -23.12 15.33 -5.35
C GLU D 155 -23.51 14.54 -6.60
N GLU D 156 -22.97 13.33 -6.73
CA GLU D 156 -23.27 12.50 -7.88
C GLU D 156 -24.76 12.26 -8.05
N GLN D 157 -25.44 11.93 -6.94
CA GLN D 157 -26.89 11.76 -6.95
C GLN D 157 -27.59 13.04 -7.39
N LEU D 158 -27.18 14.17 -6.84
CA LEU D 158 -27.85 15.43 -7.14
C LEU D 158 -27.60 15.89 -8.57
N LEU D 159 -26.44 15.56 -9.13
CA LEU D 159 -26.20 15.81 -10.54
C LEU D 159 -27.11 14.95 -11.41
N LEU D 160 -27.13 13.63 -11.15
CA LEU D 160 -28.00 12.73 -11.90
C LEU D 160 -29.47 13.14 -11.77
N GLN D 161 -29.85 13.71 -10.63
CA GLN D 161 -31.12 14.41 -10.48
C GLN D 161 -31.12 15.71 -11.27
N GLU D 162 -31.30 16.82 -10.56
CA GLU D 162 -31.23 18.15 -11.16
C GLU D 162 -29.80 18.66 -11.17
N ASN D 163 -29.23 18.97 -10.01
CA ASN D 163 -27.90 19.55 -9.93
C ASN D 163 -27.44 19.57 -8.48
N GLY D 164 -26.19 19.96 -8.28
CA GLY D 164 -25.65 20.17 -6.96
C GLY D 164 -25.99 21.56 -6.44
N SER D 168 -24.08 24.62 -8.83
CA SER D 168 -23.41 23.87 -7.77
C SER D 168 -22.09 24.56 -7.41
N SER D 169 -21.30 24.91 -8.43
CA SER D 169 -20.03 25.60 -8.19
C SER D 169 -20.25 26.97 -7.56
N MET D 170 -21.39 27.60 -7.82
CA MET D 170 -21.65 28.94 -7.28
C MET D 170 -22.11 28.89 -5.84
N GLU D 171 -23.33 28.43 -5.62
CA GLU D 171 -24.01 28.30 -4.34
C GLU D 171 -23.10 27.77 -3.23
N LEU D 172 -22.26 26.79 -3.56
CA LEU D 172 -21.32 26.26 -2.57
C LEU D 172 -20.33 27.32 -2.10
N VAL D 173 -20.02 28.29 -2.97
CA VAL D 173 -19.16 29.39 -2.55
C VAL D 173 -19.96 30.46 -1.81
N GLY D 174 -21.26 30.54 -2.06
CA GLY D 174 -22.10 31.51 -1.39
C GLY D 174 -22.34 31.19 0.07
N ARG D 175 -22.82 29.98 0.35
CA ARG D 175 -23.09 29.58 1.74
C ARG D 175 -21.83 29.68 2.59
N ILE D 176 -20.66 29.36 2.01
CA ILE D 176 -19.41 29.44 2.76
C ILE D 176 -19.22 30.82 3.37
N GLU D 177 -19.46 31.87 2.57
CA GLU D 177 -19.27 33.24 3.04
C GLU D 177 -20.22 33.55 4.20
N ASN D 178 -21.51 33.28 4.00
CA ASN D 178 -22.48 33.50 5.07
C ASN D 178 -22.19 32.62 6.29
N LEU D 179 -21.60 31.45 6.06
CA LEU D 179 -21.28 30.56 7.18
C LEU D 179 -20.19 31.16 8.05
N ASN D 180 -19.23 31.86 7.44
CA ASN D 180 -18.24 32.60 8.21
C ASN D 180 -18.91 33.71 9.02
N LYS D 181 -19.83 34.45 8.39
CA LYS D 181 -20.67 35.38 9.12
C LYS D 181 -21.33 34.69 10.31
N LEU D 182 -21.78 33.45 10.11
CA LEU D 182 -22.43 32.72 11.19
C LEU D 182 -21.44 32.33 12.27
N ILE D 183 -20.17 32.13 11.91
CA ILE D 183 -19.14 31.97 12.93
C ILE D 183 -18.92 33.30 13.66
N ASP D 184 -18.88 34.40 12.91
CA ASP D 184 -18.72 35.73 13.51
C ASP D 184 -19.87 36.04 14.44
N GLU D 185 -21.09 36.11 13.89
CA GLU D 185 -22.25 36.50 14.69
C GLU D 185 -22.56 35.50 15.80
N ARG D 186 -21.94 34.31 15.78
CA ARG D 186 -21.96 33.46 16.96
C ARG D 186 -20.94 33.92 17.99
N ASP D 187 -19.71 34.19 17.55
CA ASP D 187 -18.64 34.55 18.46
C ASP D 187 -18.85 35.92 19.10
N SER D 188 -19.76 36.73 18.57
CA SER D 188 -20.12 37.97 19.25
C SER D 188 -20.79 37.66 20.57
N GLU D 189 -21.75 36.73 20.58
CA GLU D 189 -22.43 36.36 21.81
C GLU D 189 -21.52 35.60 22.78
N ILE D 190 -20.45 34.97 22.28
CA ILE D 190 -19.56 34.24 23.17
C ILE D 190 -18.82 35.19 24.09
N GLU D 191 -18.35 36.31 23.54
CA GLU D 191 -17.77 37.36 24.37
C GLU D 191 -18.83 38.22 25.07
N MET D 192 -20.07 38.17 24.57
CA MET D 192 -21.16 38.89 25.23
C MET D 192 -21.35 38.41 26.66
N LEU D 193 -21.68 37.12 26.82
CA LEU D 193 -22.01 36.58 28.13
C LEU D 193 -20.83 36.69 29.10
N LYS D 194 -19.62 36.45 28.61
CA LYS D 194 -18.45 36.43 29.47
C LYS D 194 -17.35 37.34 28.92
N GLN E 58 -27.04 21.56 6.70
CA GLN E 58 -27.58 22.54 5.76
C GLN E 58 -27.38 22.13 4.29
N PRO E 59 -26.22 21.54 3.93
CA PRO E 59 -26.14 20.89 2.60
C PRO E 59 -26.59 19.45 2.63
N LYS E 60 -27.90 19.23 2.76
CA LYS E 60 -28.44 17.87 2.79
C LYS E 60 -29.59 17.74 1.80
N MET E 61 -30.57 18.63 1.90
CA MET E 61 -31.76 18.68 1.06
C MET E 61 -32.50 17.35 1.19
N ILE E 62 -32.68 16.62 0.09
CA ILE E 62 -33.50 15.42 0.03
C ILE E 62 -34.79 15.64 0.81
N THR E 63 -35.69 16.47 0.26
CA THR E 63 -36.76 17.04 1.07
C THR E 63 -37.84 16.00 1.41
N ILE E 64 -38.34 15.26 0.42
CA ILE E 64 -39.35 14.23 0.70
C ILE E 64 -38.70 12.86 0.48
N SER E 65 -38.65 12.42 -0.79
CA SER E 65 -38.06 11.14 -1.17
C SER E 65 -38.56 9.98 -0.31
N GLY E 66 -39.80 10.06 0.17
CA GLY E 66 -40.33 8.99 1.01
C GLY E 66 -39.83 9.08 2.44
N GLU E 67 -39.62 7.91 3.06
CA GLU E 67 -39.22 7.85 4.46
C GLU E 67 -37.73 7.55 4.63
N GLN E 68 -36.98 7.39 3.55
CA GLN E 68 -35.54 7.16 3.68
C GLN E 68 -34.84 8.36 4.32
N LEU E 69 -35.46 9.54 4.28
CA LEU E 69 -34.83 10.72 4.85
C LEU E 69 -34.59 10.57 6.35
N ASN E 70 -35.48 9.86 7.04
CA ASN E 70 -35.22 9.51 8.44
C ASN E 70 -33.84 8.86 8.58
N LEU E 71 -33.52 7.90 7.72
CA LEU E 71 -32.25 7.21 7.78
C LEU E 71 -31.05 8.14 7.64
N ILE E 72 -30.78 8.62 6.42
CA ILE E 72 -29.56 9.36 6.11
C ILE E 72 -29.35 10.49 7.12
N THR E 73 -30.45 11.01 7.67
CA THR E 73 -30.33 12.01 8.74
C THR E 73 -29.81 11.37 10.02
N GLU E 74 -30.45 10.29 10.48
CA GLU E 74 -30.07 9.59 11.72
C GLU E 74 -28.58 9.34 11.80
N ASN E 75 -27.97 9.00 10.66
CA ASN E 75 -26.60 8.52 10.64
C ASN E 75 -25.62 9.68 10.64
N LYS E 76 -25.90 10.70 9.81
CA LYS E 76 -25.22 11.98 9.91
C LYS E 76 -25.32 12.54 11.33
N GLU E 77 -26.25 12.03 12.13
CA GLU E 77 -26.38 12.35 13.54
C GLU E 77 -25.74 11.31 14.44
N LEU E 78 -25.18 10.25 13.87
CA LEU E 78 -24.33 9.29 14.58
C LEU E 78 -22.87 9.43 14.22
N MET E 79 -22.58 9.68 12.94
CA MET E 79 -21.19 9.84 12.51
C MET E 79 -20.55 11.05 13.18
N ASN E 80 -21.22 12.19 13.18
CA ASN E 80 -20.77 13.33 13.98
C ASN E 80 -20.60 12.91 15.43
N GLU E 81 -21.59 12.20 15.97
CA GLU E 81 -21.50 11.68 17.33
C GLU E 81 -20.35 10.71 17.48
N LEU E 82 -19.89 10.10 16.37
CA LEU E 82 -18.76 9.18 16.46
C LEU E 82 -17.43 9.94 16.46
N THR E 83 -17.27 10.90 15.54
CA THR E 83 -16.05 11.70 15.56
C THR E 83 -15.93 12.50 16.85
N LEU E 84 -17.07 12.88 17.45
CA LEU E 84 -17.03 13.55 18.75
C LEU E 84 -16.60 12.63 19.87
N VAL E 85 -16.79 11.31 19.73
CA VAL E 85 -16.34 10.37 20.75
C VAL E 85 -14.99 9.74 20.38
N SER E 86 -14.60 9.78 19.11
CA SER E 86 -13.22 9.47 18.76
C SER E 86 -12.29 10.60 19.20
N THR E 87 -12.71 11.86 18.99
CA THR E 87 -11.96 13.00 19.50
C THR E 87 -11.79 12.90 21.01
N GLU E 88 -12.82 12.40 21.71
CA GLU E 88 -12.73 12.21 23.15
C GLU E 88 -11.67 11.16 23.50
N LEU E 89 -11.81 9.96 22.94
CA LEU E 89 -10.91 8.87 23.29
C LEU E 89 -9.45 9.26 23.11
N ALA E 90 -9.15 10.03 22.06
CA ALA E 90 -7.77 10.42 21.79
C ALA E 90 -7.18 11.23 22.93
N GLU E 91 -7.99 12.11 23.53
CA GLU E 91 -7.47 13.01 24.56
C GLU E 91 -7.07 12.26 25.82
N SER E 92 -7.83 11.22 26.19
CA SER E 92 -7.50 10.47 27.40
C SER E 92 -6.22 9.67 27.23
N ILE E 93 -5.98 9.11 26.04
CA ILE E 93 -4.69 8.47 25.76
C ILE E 93 -3.57 9.49 25.88
N LYS E 94 -3.79 10.68 25.33
CA LYS E 94 -2.82 11.77 25.48
C LYS E 94 -2.66 12.14 26.96
N ARG E 95 -3.76 12.15 27.71
CA ARG E 95 -3.70 12.33 29.16
C ARG E 95 -3.17 11.10 29.88
N GLU E 96 -3.01 9.98 29.19
CA GLU E 96 -2.55 8.74 29.79
C GLU E 96 -1.07 8.47 29.52
N THR E 97 -0.64 8.60 28.27
CA THR E 97 0.78 8.48 27.97
C THR E 97 1.57 9.61 28.64
N GLU E 98 0.95 10.78 28.77
CA GLU E 98 1.51 11.83 29.61
C GLU E 98 1.82 11.30 31.00
N LEU E 99 0.84 10.65 31.62
CA LEU E 99 1.06 10.04 32.93
C LEU E 99 2.11 8.94 32.86
N GLU E 100 2.08 8.15 31.78
CA GLU E 100 3.02 7.03 31.65
C GLU E 100 4.47 7.52 31.66
N GLU E 101 4.70 8.79 31.34
CA GLU E 101 6.07 9.32 31.39
C GLU E 101 6.50 9.58 32.83
N ARG E 102 5.59 10.08 33.67
CA ARG E 102 5.91 10.25 35.07
C ARG E 102 6.01 8.90 35.80
N ILE E 103 5.26 7.91 35.33
CA ILE E 103 5.43 6.55 35.86
C ILE E 103 6.82 6.04 35.54
N ARG E 104 7.25 6.21 34.29
CA ARG E 104 8.61 5.91 33.85
C ARG E 104 9.66 6.51 34.77
N LEU E 105 9.41 7.73 35.27
CA LEU E 105 10.35 8.39 36.17
C LEU E 105 10.55 7.60 37.46
N TYR E 106 9.64 6.68 37.79
CA TYR E 106 9.73 5.88 39.00
C TYR E 106 10.28 4.50 38.63
N GLU E 107 11.59 4.39 38.57
CA GLU E 107 12.26 3.13 38.25
C GLU E 107 13.55 2.96 39.06
N PHE E 123 3.53 -9.62 32.75
CA PHE E 123 2.60 -10.30 33.64
C PHE E 123 2.29 -11.72 33.16
N SER E 124 1.07 -12.19 33.40
CA SER E 124 0.63 -13.53 33.00
C SER E 124 0.69 -13.69 31.49
N ASP E 125 1.79 -14.23 30.98
CA ASP E 125 2.03 -14.29 29.54
C ASP E 125 0.88 -15.00 28.82
N PHE E 126 0.58 -16.23 29.21
CA PHE E 126 -0.49 -17.00 28.57
C PHE E 126 -1.84 -16.29 28.70
N GLU E 127 -2.10 -15.68 29.85
CA GLU E 127 -3.34 -14.92 30.03
C GLU E 127 -3.33 -13.65 29.18
N LYS E 128 -2.20 -12.91 29.22
CA LYS E 128 -2.00 -11.67 28.50
C LYS E 128 -2.42 -11.76 27.04
N GLU E 129 -2.13 -12.90 26.41
CA GLU E 129 -2.44 -13.07 24.99
C GLU E 129 -3.93 -12.91 24.71
N LEU E 130 -4.76 -13.53 25.55
CA LEU E 130 -6.21 -13.50 25.32
C LEU E 130 -6.73 -12.08 25.21
N ARG E 131 -6.25 -11.19 26.09
CA ARG E 131 -6.68 -9.80 26.07
C ARG E 131 -5.98 -8.95 25.02
N LYS E 132 -4.95 -9.48 24.36
CA LYS E 132 -4.26 -8.75 23.29
C LYS E 132 -4.63 -9.26 21.90
N LYS E 133 -4.61 -10.58 21.70
CA LYS E 133 -5.06 -11.15 20.45
C LYS E 133 -6.47 -10.69 20.11
N SER E 134 -7.30 -10.48 21.13
CA SER E 134 -8.65 -9.99 20.91
C SER E 134 -8.64 -8.56 20.39
N SER E 135 -7.86 -7.67 21.01
CA SER E 135 -7.82 -6.28 20.58
C SER E 135 -7.12 -6.12 19.23
N LYS E 136 -6.25 -7.06 18.86
CA LYS E 136 -5.67 -7.04 17.53
C LYS E 136 -6.65 -7.54 16.47
N ILE E 137 -7.67 -8.30 16.88
CA ILE E 137 -8.57 -8.91 15.90
C ILE E 137 -9.43 -7.87 15.21
N VAL E 138 -9.79 -6.79 15.92
CA VAL E 138 -10.47 -5.70 15.23
C VAL E 138 -9.51 -4.96 14.32
N GLN E 139 -8.24 -4.85 14.72
CA GLN E 139 -7.27 -4.13 13.91
C GLN E 139 -7.18 -4.71 12.51
N LEU E 140 -6.99 -6.04 12.41
CA LEU E 140 -7.02 -6.69 11.10
C LEU E 140 -8.31 -6.37 10.36
N ILE E 141 -9.44 -6.39 11.06
CA ILE E 141 -10.71 -5.93 10.47
C ILE E 141 -10.58 -4.48 10.01
N GLN E 142 -10.01 -3.64 10.87
CA GLN E 142 -10.01 -2.19 10.64
C GLN E 142 -9.20 -1.80 9.40
N GLN E 143 -7.96 -2.26 9.30
CA GLN E 143 -7.16 -1.93 8.11
C GLN E 143 -7.73 -2.56 6.85
N LEU E 144 -8.27 -3.79 6.95
CA LEU E 144 -9.06 -4.32 5.86
C LEU E 144 -10.27 -3.43 5.58
N ASN E 145 -10.85 -2.86 6.63
CA ASN E 145 -11.99 -1.95 6.49
C ASN E 145 -11.53 -0.59 5.97
N ASP E 146 -10.51 -0.01 6.61
CA ASP E 146 -10.00 1.30 6.21
C ASP E 146 -9.67 1.33 4.72
N GLU E 147 -8.97 0.30 4.24
CA GLU E 147 -8.56 0.28 2.85
C GLU E 147 -9.76 0.14 1.92
N ARG E 148 -10.86 -0.43 2.40
CA ARG E 148 -12.04 -0.62 1.56
C ARG E 148 -12.74 0.70 1.28
N LEU E 149 -12.95 1.51 2.32
CA LEU E 149 -13.52 2.84 2.12
C LEU E 149 -12.52 3.82 1.54
N LYS E 150 -11.21 3.50 1.59
CA LYS E 150 -10.22 4.28 0.86
C LYS E 150 -10.27 4.00 -0.63
N ARG E 151 -10.91 2.90 -1.03
CA ARG E 151 -11.13 2.62 -2.45
C ARG E 151 -12.32 3.40 -2.98
N PHE E 152 -13.46 3.33 -2.28
CA PHE E 152 -14.68 3.96 -2.78
C PHE E 152 -14.58 5.48 -2.79
N ILE E 153 -13.73 6.07 -1.93
CA ILE E 153 -13.57 7.52 -1.95
C ILE E 153 -12.84 7.96 -3.21
N ALA E 154 -11.68 7.36 -3.48
CA ALA E 154 -10.82 7.83 -4.57
C ALA E 154 -11.33 7.43 -5.94
N GLU E 155 -12.47 6.74 -6.04
CA GLU E 155 -13.13 6.47 -7.31
C GLU E 155 -14.44 7.24 -7.46
N GLU E 156 -15.22 7.37 -6.38
CA GLU E 156 -16.37 8.26 -6.41
C GLU E 156 -15.95 9.72 -6.47
N GLN E 157 -14.70 10.01 -6.11
CA GLN E 157 -14.14 11.33 -6.36
C GLN E 157 -14.02 11.59 -7.86
N LEU E 158 -13.46 10.61 -8.60
CA LEU E 158 -13.23 10.79 -10.03
C LEU E 158 -14.54 10.90 -10.80
N LEU E 159 -15.53 10.07 -10.46
CA LEU E 159 -16.83 10.13 -11.12
C LEU E 159 -17.44 11.53 -11.03
N LEU E 160 -17.13 12.25 -9.96
CA LEU E 160 -17.55 13.64 -9.78
C LEU E 160 -16.52 14.63 -10.30
N GLN E 161 -15.23 14.28 -10.26
CA GLN E 161 -14.19 15.15 -10.81
C GLN E 161 -14.32 15.26 -12.32
N GLU E 162 -14.44 14.12 -13.00
CA GLU E 162 -14.91 14.04 -14.38
C GLU E 162 -16.01 15.05 -14.63
N ASN E 163 -17.13 14.88 -13.92
CA ASN E 163 -18.23 15.84 -13.97
C ASN E 163 -17.76 17.23 -13.54
N GLY E 164 -16.89 17.29 -12.54
CA GLY E 164 -16.58 18.57 -11.90
C GLY E 164 -15.95 19.56 -12.87
N THR E 165 -14.97 19.11 -13.64
CA THR E 165 -14.20 19.97 -14.53
C THR E 165 -13.66 21.20 -13.79
N LYS E 166 -12.50 21.03 -13.12
CA LYS E 166 -11.60 22.02 -12.53
C LYS E 166 -12.33 23.01 -11.59
N PRO E 167 -11.65 24.11 -11.08
CA PRO E 167 -11.94 24.61 -9.73
C PRO E 167 -12.84 23.78 -8.81
N SER E 168 -12.26 22.71 -8.26
CA SER E 168 -12.74 22.00 -7.08
C SER E 168 -14.26 22.01 -6.89
N SER E 169 -14.95 21.05 -7.51
CA SER E 169 -16.40 20.95 -7.32
C SER E 169 -16.74 20.26 -6.01
N MET E 170 -15.76 19.61 -5.37
CA MET E 170 -15.97 18.85 -4.15
C MET E 170 -15.38 19.55 -2.92
N GLU E 171 -14.15 20.07 -3.05
CA GLU E 171 -13.47 20.73 -1.93
C GLU E 171 -14.34 21.79 -1.28
N LEU E 172 -15.19 22.45 -2.06
CA LEU E 172 -16.09 23.47 -1.52
C LEU E 172 -16.88 22.93 -0.34
N VAL E 173 -17.50 21.76 -0.52
CA VAL E 173 -18.24 21.14 0.57
C VAL E 173 -17.30 20.72 1.69
N GLY E 174 -16.05 20.38 1.35
CA GLY E 174 -15.09 20.00 2.37
C GLY E 174 -14.72 21.13 3.29
N ARG E 175 -14.67 22.35 2.77
CA ARG E 175 -14.48 23.51 3.62
C ARG E 175 -15.77 23.93 4.31
N ILE E 176 -16.92 23.47 3.80
CA ILE E 176 -18.19 23.74 4.46
C ILE E 176 -18.28 22.98 5.78
N GLU E 177 -18.09 21.66 5.73
CA GLU E 177 -18.35 20.84 6.90
C GLU E 177 -17.38 21.13 8.03
N ASN E 178 -16.18 21.60 7.69
CA ASN E 178 -15.32 22.17 8.71
C ASN E 178 -16.00 23.34 9.41
N LEU E 179 -16.64 24.21 8.63
CA LEU E 179 -17.30 25.38 9.21
C LEU E 179 -18.54 24.98 9.99
N ASN E 180 -19.41 24.16 9.39
CA ASN E 180 -20.62 23.71 10.07
C ASN E 180 -20.32 22.89 11.32
N LYS E 181 -19.08 22.44 11.49
CA LYS E 181 -18.68 21.75 12.70
C LYS E 181 -18.16 22.71 13.77
N LEU E 182 -17.76 23.92 13.38
CA LEU E 182 -17.44 24.97 14.34
C LEU E 182 -18.69 25.67 14.83
N ILE E 183 -19.66 25.88 13.93
CA ILE E 183 -20.96 26.47 14.28
C ILE E 183 -21.54 25.68 15.45
N ASP E 184 -21.69 24.38 15.27
CA ASP E 184 -22.23 23.53 16.32
C ASP E 184 -21.35 23.59 17.56
N GLU E 185 -20.03 23.66 17.37
CA GLU E 185 -19.12 23.85 18.50
C GLU E 185 -19.41 25.15 19.22
N ARG E 186 -19.67 26.22 18.48
CA ARG E 186 -20.06 27.47 19.11
C ARG E 186 -21.47 27.39 19.70
N ASP E 187 -22.35 26.63 19.07
CA ASP E 187 -23.65 26.36 19.67
C ASP E 187 -23.49 25.73 21.05
N SER E 188 -22.54 24.80 21.18
CA SER E 188 -22.32 24.15 22.47
C SER E 188 -21.87 25.17 23.52
N GLU E 189 -20.98 26.08 23.12
CA GLU E 189 -20.54 27.14 24.02
C GLU E 189 -21.74 27.95 24.51
N ILE E 190 -22.54 28.49 23.58
CA ILE E 190 -23.76 29.19 23.97
C ILE E 190 -24.66 28.27 24.79
N GLU E 191 -24.73 26.99 24.42
CA GLU E 191 -25.62 26.07 25.12
C GLU E 191 -25.16 25.85 26.55
N MET E 192 -23.86 25.55 26.74
CA MET E 192 -23.32 25.56 28.08
C MET E 192 -23.48 26.93 28.72
N LEU E 193 -23.24 28.00 27.96
CA LEU E 193 -23.45 29.35 28.45
C LEU E 193 -24.92 29.68 28.64
N LYS E 194 -25.82 28.79 28.23
CA LYS E 194 -27.27 28.84 28.45
C LYS E 194 -27.84 30.21 28.84
N TYR F 49 15.74 -13.87 29.12
CA TYR F 49 14.97 -13.66 30.35
C TYR F 49 13.54 -14.16 30.16
N ASP F 50 12.60 -13.29 30.53
CA ASP F 50 11.20 -13.43 30.15
C ASP F 50 10.62 -12.17 29.52
N GLU F 51 11.24 -11.01 29.73
CA GLU F 51 10.92 -9.83 28.93
C GLU F 51 11.29 -10.05 27.48
N ILE F 52 12.40 -10.76 27.24
CA ILE F 52 12.76 -11.16 25.89
C ILE F 52 11.67 -12.04 25.30
N PHE F 53 10.99 -12.82 26.14
CA PHE F 53 9.88 -13.65 25.69
C PHE F 53 8.65 -12.80 25.38
N THR F 54 8.40 -11.76 26.17
CA THR F 54 7.26 -10.89 25.89
C THR F 54 7.43 -10.16 24.57
N GLU F 55 8.65 -9.74 24.26
CA GLU F 55 8.93 -9.14 22.96
C GLU F 55 8.49 -10.06 21.83
N ASN F 56 8.73 -11.36 21.98
CA ASN F 56 8.19 -12.33 21.03
C ASN F 56 6.67 -12.24 20.96
N ILE F 57 6.01 -12.21 22.13
CA ILE F 57 4.57 -12.38 22.17
C ILE F 57 3.85 -11.17 21.60
N LYS F 58 4.55 -10.04 21.47
CA LYS F 58 4.01 -8.82 20.88
C LYS F 58 4.48 -8.60 19.44
N LEU F 59 5.72 -8.97 19.13
CA LEU F 59 6.22 -8.84 17.76
C LEU F 59 5.46 -9.78 16.81
N LYS F 60 5.19 -11.00 17.27
CA LYS F 60 4.43 -11.94 16.46
C LYS F 60 3.05 -11.40 16.09
N LEU F 61 2.49 -10.55 16.95
CA LEU F 61 1.24 -9.88 16.61
C LEU F 61 1.50 -8.66 15.73
N GLN F 62 2.46 -7.82 16.12
CA GLN F 62 2.74 -6.60 15.35
C GLN F 62 3.11 -6.93 13.90
N VAL F 63 3.79 -8.05 13.68
CA VAL F 63 4.07 -8.49 12.31
C VAL F 63 2.77 -8.85 11.60
N GLN F 64 1.88 -9.58 12.30
CA GLN F 64 0.65 -10.06 11.69
C GLN F 64 -0.24 -8.91 11.23
N GLU F 65 -0.36 -7.87 12.06
CA GLU F 65 -1.16 -6.71 11.66
C GLU F 65 -0.55 -6.02 10.45
N TYR F 66 0.78 -5.93 10.41
CA TYR F 66 1.43 -5.32 9.26
C TYR F 66 1.28 -6.21 8.02
N GLU F 67 1.12 -7.51 8.22
CA GLU F 67 0.95 -8.43 7.10
C GLU F 67 -0.36 -8.15 6.36
N THR F 68 -1.45 -7.95 7.09
CA THR F 68 -2.74 -7.73 6.45
C THR F 68 -2.94 -6.29 6.00
N GLU F 69 -2.16 -5.35 6.56
CA GLU F 69 -2.13 -4.01 5.98
C GLU F 69 -1.50 -4.03 4.60
N ILE F 70 -0.47 -4.85 4.42
CA ILE F 70 0.24 -4.90 3.15
C ILE F 70 -0.65 -5.51 2.06
N GLU F 71 -1.25 -6.66 2.35
CA GLU F 71 -2.19 -7.26 1.41
C GLU F 71 -3.36 -6.33 1.13
N SER F 72 -3.88 -5.67 2.18
CA SER F 72 -4.95 -4.70 1.97
C SER F 72 -4.49 -3.55 1.08
N LEU F 73 -3.24 -3.13 1.23
CA LEU F 73 -2.75 -1.98 0.47
C LEU F 73 -2.62 -2.30 -1.01
N GLU F 74 -2.18 -3.52 -1.34
CA GLU F 74 -2.18 -3.93 -2.73
C GLU F 74 -3.61 -4.14 -3.23
N LYS F 75 -4.52 -4.54 -2.34
CA LYS F 75 -5.91 -4.75 -2.74
C LYS F 75 -6.62 -3.45 -3.11
N VAL F 76 -6.05 -2.30 -2.77
CA VAL F 76 -6.54 -1.01 -3.26
C VAL F 76 -5.71 -0.51 -4.43
N ILE F 77 -4.58 -1.15 -4.72
CA ILE F 77 -3.80 -0.83 -5.92
C ILE F 77 -4.30 -1.61 -7.12
N ASP F 78 -4.51 -2.92 -6.96
CA ASP F 78 -4.94 -3.78 -8.05
C ASP F 78 -6.41 -3.58 -8.42
N MET F 79 -7.10 -2.66 -7.75
CA MET F 79 -8.45 -2.24 -8.12
C MET F 79 -8.47 -0.90 -8.86
N LEU F 80 -7.31 -0.28 -9.05
CA LEU F 80 -7.21 0.98 -9.77
C LEU F 80 -6.97 0.79 -11.26
N GLN F 81 -6.18 -0.21 -11.65
CA GLN F 81 -6.08 -0.59 -13.06
C GLN F 81 -7.44 -0.99 -13.61
N LYS F 82 -8.36 -1.41 -12.74
CA LYS F 82 -9.73 -1.67 -13.14
C LYS F 82 -10.60 -0.43 -13.01
N ASN F 83 -10.17 0.54 -12.20
CA ASN F 83 -10.77 1.88 -12.22
C ASN F 83 -10.17 2.72 -13.33
N ARG F 84 -8.86 2.60 -13.55
CA ARG F 84 -8.20 3.40 -14.59
C ARG F 84 -8.80 3.16 -15.96
N GLU F 85 -9.25 1.93 -16.24
CA GLU F 85 -9.85 1.65 -17.54
C GLU F 85 -11.29 2.16 -17.60
N ALA F 86 -12.07 1.93 -16.54
CA ALA F 86 -13.48 2.33 -16.55
C ALA F 86 -13.66 3.82 -16.78
N SER F 87 -12.69 4.63 -16.34
CA SER F 87 -12.74 6.06 -16.61
C SER F 87 -12.46 6.35 -18.08
N LEU F 88 -11.25 6.00 -18.55
CA LEU F 88 -10.90 6.19 -19.95
C LEU F 88 -11.80 5.38 -20.89
N GLU F 89 -12.58 4.44 -20.36
CA GLU F 89 -13.63 3.81 -21.15
C GLU F 89 -14.82 4.76 -21.31
N VAL F 90 -15.12 5.54 -20.29
CA VAL F 90 -16.25 6.46 -20.28
C VAL F 90 -15.79 7.92 -20.31
N VAL F 91 -14.48 8.17 -20.47
CA VAL F 91 -13.99 9.54 -20.63
C VAL F 91 -14.43 10.09 -21.98
#